data_3WIB
#
_entry.id   3WIB
#
_cell.length_a   123.620
_cell.length_b   123.620
_cell.length_c   88.080
_cell.angle_alpha   90.00
_cell.angle_beta   90.00
_cell.angle_gamma   90.00
#
_symmetry.space_group_name_H-M   'P 4 2 2'
#
loop_
_entity.id
_entity.type
_entity.pdbx_description
1 polymer 'Haloalkane dehalogenase'
2 non-polymer '2-[N-CYCLOHEXYLAMINO]ETHANE SULFONIC ACID'
3 water water
#
_entity_poly.entity_id   1
_entity_poly.type   'polypeptide(L)'
_entity_poly.pdbx_seq_one_letter_code
;MKEHRHMTEKSPHSAFGDGAKAYDVPAFGLQIHTVEHGSGAPIVFLHGNPTSSYLWRHIFRRLHGHGRLLAVDLIGYGQS
SKPDIEYTLENQQRYVDAWFDALDLRNVTLVLQDWGAAFGLNWASRNPDRVRAVAFFEPVLRNIDSVDLSPEFVTRRAKL
RQPGEGEIFVQQENRFLTELFPWFFLTPLAPEDLRQYQTPFPTPHSRKAILAGPRNLPVDGEPASTVAFLEQAVNWLNTS
DTPKLLLTFKPGFLLTDAILKWSQVTIRNLEIEAAGAGIHFVQEEQPETIARLLDAWLTRIAGN
;
_entity_poly.pdbx_strand_id   A,B
#
# COMPACT_ATOMS: atom_id res chain seq x y z
N PRO A 12 -17.95 20.00 -17.68
CA PRO A 12 -17.20 18.98 -16.91
C PRO A 12 -15.99 19.55 -16.22
N HIS A 13 -15.32 18.73 -15.43
CA HIS A 13 -14.16 19.16 -14.65
C HIS A 13 -13.00 19.56 -15.57
N SER A 14 -12.31 20.66 -15.23
CA SER A 14 -11.17 21.19 -16.00
C SER A 14 -10.07 20.15 -16.23
N ALA A 15 -9.81 19.31 -15.24
CA ALA A 15 -8.87 18.17 -15.38
C ALA A 15 -9.09 17.26 -16.60
N PHE A 16 -10.31 17.23 -17.14
CA PHE A 16 -10.60 16.54 -18.40
C PHE A 16 -10.03 17.25 -19.65
N GLY A 17 -9.56 18.50 -19.46
CA GLY A 17 -8.78 19.22 -20.48
C GLY A 17 -9.64 20.20 -21.26
N ASP A 18 -8.98 21.09 -22.01
CA ASP A 18 -9.66 22.10 -22.82
C ASP A 18 -10.49 21.44 -23.90
N GLY A 19 -11.64 22.05 -24.18
CA GLY A 19 -12.53 21.59 -25.22
C GLY A 19 -13.28 20.30 -24.91
N ALA A 20 -13.35 19.92 -23.62
CA ALA A 20 -14.17 18.77 -23.19
C ALA A 20 -15.54 19.24 -22.85
N LYS A 21 -16.57 18.52 -23.31
CA LYS A 21 -17.95 18.84 -22.94
C LYS A 21 -18.64 17.67 -22.24
N ALA A 22 -19.72 17.96 -21.51
CA ALA A 22 -20.55 16.92 -20.93
C ALA A 22 -22.03 16.97 -21.36
N TYR A 23 -22.70 15.85 -21.32
CA TYR A 23 -24.14 15.87 -21.55
C TYR A 23 -24.73 14.59 -21.03
N ASP A 24 -26.04 14.57 -20.88
CA ASP A 24 -26.71 13.38 -20.37
C ASP A 24 -27.27 12.56 -21.53
N VAL A 25 -27.18 11.25 -21.44
CA VAL A 25 -27.69 10.38 -22.48
C VAL A 25 -28.90 9.69 -21.91
N PRO A 26 -30.05 9.86 -22.56
CA PRO A 26 -31.26 9.22 -22.01
C PRO A 26 -31.20 7.70 -22.14
N ALA A 27 -31.73 6.98 -21.15
CA ALA A 27 -31.89 5.51 -21.21
C ALA A 27 -32.99 5.01 -20.25
N PHE A 28 -34.00 4.34 -20.80
CA PHE A 28 -35.15 3.82 -20.05
C PHE A 28 -35.67 4.79 -19.01
N GLY A 29 -35.71 6.08 -19.35
CA GLY A 29 -36.30 7.10 -18.47
C GLY A 29 -35.28 7.83 -17.64
N LEU A 30 -34.02 7.39 -17.71
CA LEU A 30 -33.01 7.91 -16.82
C LEU A 30 -31.97 8.63 -17.64
N GLN A 31 -30.97 9.15 -16.93
CA GLN A 31 -29.85 9.91 -17.51
C GLN A 31 -28.44 9.28 -17.22
N ILE A 32 -27.68 8.99 -18.28
CA ILE A 32 -26.29 8.63 -18.20
C ILE A 32 -25.35 9.78 -18.55
N HIS A 33 -24.77 10.38 -17.53
CA HIS A 33 -23.85 11.48 -17.75
C HIS A 33 -22.54 11.03 -18.42
N THR A 34 -22.09 11.85 -19.38
CA THR A 34 -21.09 11.48 -20.37
C THR A 34 -20.17 12.69 -20.61
N VAL A 35 -18.85 12.46 -20.53
CA VAL A 35 -17.86 13.47 -20.85
C VAL A 35 -17.21 13.06 -22.19
N GLU A 36 -17.09 14.05 -23.09
CA GLU A 36 -16.59 13.83 -24.47
C GLU A 36 -15.53 14.84 -24.87
N HIS A 37 -14.58 14.39 -25.68
CA HIS A 37 -13.63 15.29 -26.32
C HIS A 37 -13.23 14.69 -27.68
N GLY A 38 -13.01 15.61 -28.64
CA GLY A 38 -12.43 15.30 -29.94
C GLY A 38 -13.35 14.61 -30.91
N SER A 39 -12.74 14.05 -31.94
CA SER A 39 -13.47 13.39 -32.99
C SER A 39 -12.55 12.29 -33.52
N GLY A 40 -13.10 11.39 -34.31
CA GLY A 40 -12.35 10.24 -34.80
C GLY A 40 -13.00 8.97 -34.29
N ALA A 41 -12.24 7.88 -34.30
CA ALA A 41 -12.71 6.60 -33.76
C ALA A 41 -12.99 6.73 -32.24
N PRO A 42 -14.12 6.17 -31.80
CA PRO A 42 -14.55 6.26 -30.40
C PRO A 42 -13.61 5.51 -29.46
N ILE A 43 -13.32 6.14 -28.32
CA ILE A 43 -12.58 5.52 -27.24
C ILE A 43 -13.35 5.70 -25.97
N VAL A 44 -13.84 4.58 -25.46
CA VAL A 44 -14.81 4.60 -24.37
C VAL A 44 -14.14 4.06 -23.09
N PHE A 45 -14.23 4.87 -22.05
CA PHE A 45 -13.65 4.68 -20.71
C PHE A 45 -14.78 4.29 -19.74
N LEU A 46 -14.80 3.06 -19.22
CA LEU A 46 -15.80 2.61 -18.24
C LEU A 46 -15.13 2.34 -16.86
N HIS A 47 -15.51 3.14 -15.86
CA HIS A 47 -15.12 2.95 -14.42
C HIS A 47 -15.81 1.81 -13.72
N GLY A 48 -15.47 1.63 -12.43
CA GLY A 48 -16.25 0.71 -11.62
C GLY A 48 -16.58 1.28 -10.24
N ASN A 49 -16.59 0.44 -9.25
CA ASN A 49 -17.11 0.75 -7.98
C ASN A 49 -16.02 1.24 -6.98
N PRO A 50 -16.22 2.41 -6.32
CA PRO A 50 -17.31 3.35 -6.28
C PRO A 50 -16.93 4.71 -6.88
N THR A 51 -16.48 4.67 -8.15
CA THR A 51 -15.96 5.84 -8.82
C THR A 51 -16.93 6.33 -9.94
N SER A 52 -16.38 7.03 -10.93
CA SER A 52 -17.16 7.63 -12.03
C SER A 52 -16.16 8.00 -13.11
N SER A 53 -16.65 8.74 -14.13
CA SER A 53 -15.77 9.30 -15.17
C SER A 53 -14.60 10.10 -14.61
N TYR A 54 -14.79 10.75 -13.46
CA TYR A 54 -13.73 11.55 -12.84
C TYR A 54 -12.45 10.78 -12.62
N LEU A 55 -12.57 9.49 -12.35
CA LEU A 55 -11.37 8.64 -12.17
C LEU A 55 -10.46 8.64 -13.40
N TRP A 56 -11.06 8.74 -14.61
CA TRP A 56 -10.27 8.74 -15.85
C TRP A 56 -9.63 10.08 -16.22
N ARG A 57 -9.95 11.15 -15.51
CA ARG A 57 -9.59 12.51 -16.01
C ARG A 57 -8.18 12.77 -16.54
N HIS A 58 -7.19 12.26 -15.84
CA HIS A 58 -5.83 12.56 -16.19
C HIS A 58 -5.39 11.74 -17.39
N ILE A 59 -5.88 10.52 -17.49
CA ILE A 59 -5.61 9.69 -18.63
C ILE A 59 -6.34 10.23 -19.86
N PHE A 60 -7.61 10.58 -19.65
CA PHE A 60 -8.51 11.20 -20.66
C PHE A 60 -7.79 12.45 -21.25
N ARG A 61 -7.34 13.37 -20.41
CA ARG A 61 -6.71 14.57 -20.95
C ARG A 61 -5.39 14.30 -21.69
N ARG A 62 -4.55 13.44 -21.12
CA ARG A 62 -3.33 13.06 -21.80
C ARG A 62 -3.57 12.36 -23.11
N LEU A 63 -4.78 11.82 -23.32
CA LEU A 63 -5.06 11.17 -24.59
C LEU A 63 -5.78 12.01 -25.65
N HIS A 64 -5.88 13.34 -25.44
CA HIS A 64 -6.46 14.21 -26.46
C HIS A 64 -5.89 13.88 -27.85
N GLY A 65 -6.82 13.84 -28.81
CA GLY A 65 -6.50 13.69 -30.22
C GLY A 65 -6.37 12.28 -30.75
N HIS A 66 -6.28 11.24 -29.91
CA HIS A 66 -6.33 9.83 -30.44
C HIS A 66 -7.68 9.45 -31.06
N GLY A 67 -8.70 10.28 -30.85
CA GLY A 67 -10.03 9.98 -31.36
C GLY A 67 -11.06 10.64 -30.47
N ARG A 68 -12.30 10.18 -30.61
CA ARG A 68 -13.43 10.68 -29.87
C ARG A 68 -13.46 10.02 -28.49
N LEU A 69 -13.11 10.79 -27.47
CA LEU A 69 -12.93 10.24 -26.10
C LEU A 69 -14.26 10.31 -25.44
N LEU A 70 -14.72 9.17 -24.90
CA LEU A 70 -16.03 9.11 -24.24
C LEU A 70 -15.88 8.42 -22.89
N ALA A 71 -16.05 9.22 -21.81
CA ALA A 71 -16.08 8.68 -20.41
C ALA A 71 -17.47 8.82 -19.78
N VAL A 72 -18.05 7.70 -19.34
CA VAL A 72 -19.42 7.71 -18.80
C VAL A 72 -19.44 7.59 -17.27
N ASP A 73 -20.54 7.98 -16.64
CA ASP A 73 -20.80 7.64 -15.26
C ASP A 73 -21.88 6.62 -15.37
N LEU A 74 -21.63 5.39 -14.91
CA LEU A 74 -22.63 4.36 -14.91
C LEU A 74 -23.82 4.78 -14.03
N ILE A 75 -24.97 4.19 -14.36
CA ILE A 75 -26.20 4.36 -13.61
C ILE A 75 -25.85 3.88 -12.21
N GLY A 76 -26.19 4.73 -11.25
CA GLY A 76 -25.83 4.53 -9.81
C GLY A 76 -24.66 5.34 -9.32
N TYR A 77 -23.98 6.03 -10.22
CA TYR A 77 -22.73 6.70 -9.91
C TYR A 77 -22.69 8.08 -10.50
N GLY A 78 -21.76 8.86 -9.99
CA GLY A 78 -21.35 10.14 -10.55
C GLY A 78 -22.55 11.09 -10.62
N GLN A 79 -22.76 11.63 -11.81
CA GLN A 79 -23.87 12.56 -12.10
C GLN A 79 -24.99 11.88 -12.87
N SER A 80 -24.98 10.55 -12.94
CA SER A 80 -25.97 9.80 -13.62
C SER A 80 -27.09 9.50 -12.67
N SER A 81 -28.24 9.00 -13.16
CA SER A 81 -29.37 8.83 -12.28
C SER A 81 -29.06 7.73 -11.26
N LYS A 82 -29.67 7.85 -10.08
CA LYS A 82 -29.56 6.85 -9.03
C LYS A 82 -30.93 6.30 -8.69
N PRO A 83 -31.46 5.44 -9.59
CA PRO A 83 -32.80 4.90 -9.39
C PRO A 83 -32.92 3.88 -8.28
N ASP A 84 -34.17 3.56 -7.95
CA ASP A 84 -34.49 2.57 -6.94
C ASP A 84 -34.70 1.22 -7.57
N ILE A 85 -33.60 0.67 -8.10
CA ILE A 85 -33.54 -0.65 -8.64
C ILE A 85 -32.61 -1.55 -7.82
N GLU A 86 -32.69 -2.82 -8.10
CA GLU A 86 -31.69 -3.80 -7.68
C GLU A 86 -30.51 -3.72 -8.71
N TYR A 87 -29.27 -3.56 -8.23
CA TYR A 87 -28.15 -3.34 -9.14
C TYR A 87 -27.58 -4.71 -9.50
N THR A 88 -28.46 -5.57 -10.01
CA THR A 88 -28.03 -6.86 -10.57
C THR A 88 -27.10 -6.54 -11.78
N LEU A 89 -26.24 -7.50 -12.12
CA LEU A 89 -25.41 -7.35 -13.35
C LEU A 89 -26.27 -7.19 -14.62
N GLU A 90 -27.35 -7.97 -14.69
CA GLU A 90 -28.29 -7.86 -15.86
C GLU A 90 -28.85 -6.49 -16.01
N ASN A 91 -29.25 -5.84 -14.88
CA ASN A 91 -29.84 -4.51 -14.92
C ASN A 91 -28.82 -3.46 -15.30
N GLN A 92 -27.63 -3.52 -14.69
CA GLN A 92 -26.57 -2.59 -15.05
C GLN A 92 -26.14 -2.71 -16.51
N GLN A 93 -26.04 -3.94 -16.98
CA GLN A 93 -25.66 -4.18 -18.37
C GLN A 93 -26.63 -3.55 -19.35
N ARG A 94 -27.92 -3.62 -19.01
CA ARG A 94 -28.97 -3.00 -19.84
C ARG A 94 -28.76 -1.55 -20.07
N TYR A 95 -28.41 -0.78 -19.04
CA TYR A 95 -28.17 0.62 -19.21
C TYR A 95 -26.91 0.93 -20.01
N VAL A 96 -25.88 0.09 -19.85
CA VAL A 96 -24.66 0.27 -20.62
C VAL A 96 -25.03 -0.02 -22.10
N ASP A 97 -25.75 -1.10 -22.34
CA ASP A 97 -26.12 -1.51 -23.71
C ASP A 97 -26.88 -0.35 -24.32
N ALA A 98 -27.76 0.25 -23.52
CA ALA A 98 -28.56 1.40 -23.97
C ALA A 98 -27.71 2.58 -24.39
N TRP A 99 -26.67 2.86 -23.63
CA TRP A 99 -25.83 4.03 -23.91
C TRP A 99 -25.06 3.86 -25.21
N PHE A 100 -24.49 2.67 -25.39
CA PHE A 100 -23.84 2.27 -26.64
C PHE A 100 -24.85 2.35 -27.82
N ASP A 101 -26.12 1.97 -27.59
CA ASP A 101 -27.21 2.12 -28.63
C ASP A 101 -27.50 3.56 -29.00
N ALA A 102 -27.72 4.42 -28.01
CA ALA A 102 -27.97 5.81 -28.29
C ALA A 102 -26.92 6.43 -29.13
N LEU A 103 -25.67 6.02 -28.92
CA LEU A 103 -24.53 6.68 -29.54
C LEU A 103 -24.14 5.99 -30.83
N ASP A 104 -24.68 4.79 -31.03
CA ASP A 104 -24.46 3.95 -32.22
C ASP A 104 -22.99 3.98 -32.69
N LEU A 105 -22.13 3.29 -31.93
CA LEU A 105 -20.69 3.45 -32.13
C LEU A 105 -20.15 2.23 -32.84
N ARG A 106 -19.06 2.43 -33.56
CA ARG A 106 -18.39 1.39 -34.32
C ARG A 106 -16.90 1.69 -34.25
N ASN A 107 -16.09 0.70 -34.58
CA ASN A 107 -14.67 0.85 -34.54
C ASN A 107 -14.19 1.29 -33.11
N VAL A 108 -14.82 0.67 -32.10
CA VAL A 108 -14.73 1.16 -30.71
C VAL A 108 -13.49 0.62 -30.02
N THR A 109 -12.70 1.51 -29.43
CA THR A 109 -11.68 1.06 -28.44
C THR A 109 -12.21 1.23 -27.00
N LEU A 110 -12.28 0.11 -26.31
CA LEU A 110 -12.70 0.15 -24.91
C LEU A 110 -11.48 0.21 -23.97
N VAL A 111 -11.55 1.05 -22.92
CA VAL A 111 -10.54 1.15 -21.91
C VAL A 111 -11.27 0.96 -20.57
N LEU A 112 -11.01 -0.16 -19.93
CA LEU A 112 -11.92 -0.70 -18.90
C LEU A 112 -11.19 -1.00 -17.57
N GLN A 113 -11.86 -0.78 -16.44
CA GLN A 113 -11.28 -1.04 -15.13
C GLN A 113 -12.40 -1.44 -14.16
N ASP A 114 -12.11 -2.33 -13.22
CA ASP A 114 -13.05 -2.82 -12.21
C ASP A 114 -14.32 -3.36 -12.91
N TRP A 115 -15.51 -3.02 -12.39
CA TRP A 115 -16.78 -3.47 -13.04
C TRP A 115 -16.91 -3.00 -14.50
N GLY A 116 -16.37 -1.82 -14.85
CA GLY A 116 -16.33 -1.38 -16.26
C GLY A 116 -15.78 -2.44 -17.22
N ALA A 117 -14.87 -3.30 -16.75
CA ALA A 117 -14.34 -4.43 -17.55
C ALA A 117 -15.43 -5.47 -17.74
N ALA A 118 -16.16 -5.78 -16.69
CA ALA A 118 -17.22 -6.80 -16.81
C ALA A 118 -18.26 -6.38 -17.83
N PHE A 119 -18.71 -5.12 -17.74
CA PHE A 119 -19.76 -4.60 -18.63
C PHE A 119 -19.25 -4.37 -20.04
N GLY A 120 -18.02 -3.86 -20.15
CA GLY A 120 -17.37 -3.58 -21.45
C GLY A 120 -17.10 -4.85 -22.25
N LEU A 121 -16.52 -5.85 -21.61
CA LEU A 121 -16.27 -7.13 -22.22
C LEU A 121 -17.58 -7.88 -22.54
N ASN A 122 -18.59 -7.77 -21.66
CA ASN A 122 -19.86 -8.38 -21.94
C ASN A 122 -20.45 -7.76 -23.21
N TRP A 123 -20.47 -6.43 -23.31
CA TRP A 123 -20.94 -5.73 -24.51
C TRP A 123 -20.22 -6.19 -25.80
N ALA A 124 -18.90 -6.21 -25.73
CA ALA A 124 -18.03 -6.54 -26.86
C ALA A 124 -18.38 -7.89 -27.38
N SER A 125 -18.51 -8.85 -26.46
CA SER A 125 -18.77 -10.23 -26.78
C SER A 125 -20.09 -10.43 -27.57
N ARG A 126 -21.01 -9.52 -27.41
CA ARG A 126 -22.30 -9.56 -28.10
C ARG A 126 -22.28 -8.57 -29.21
N ASN A 127 -21.20 -7.81 -29.35
CA ASN A 127 -21.14 -6.81 -30.42
C ASN A 127 -19.81 -6.86 -31.16
N PRO A 128 -19.34 -8.08 -31.50
CA PRO A 128 -17.95 -8.20 -31.92
C PRO A 128 -17.64 -7.33 -33.13
N ASP A 129 -18.63 -7.12 -33.99
CA ASP A 129 -18.41 -6.34 -35.18
C ASP A 129 -18.24 -4.84 -34.92
N ARG A 130 -18.56 -4.35 -33.73
CA ARG A 130 -18.43 -2.90 -33.46
C ARG A 130 -17.11 -2.52 -32.71
N VAL A 131 -16.28 -3.52 -32.39
CA VAL A 131 -15.09 -3.39 -31.53
C VAL A 131 -13.75 -3.45 -32.27
N ARG A 132 -12.96 -2.41 -32.13
CA ARG A 132 -11.62 -2.31 -32.70
C ARG A 132 -10.54 -2.95 -31.79
N ALA A 133 -10.57 -2.55 -30.51
CA ALA A 133 -9.52 -2.96 -29.57
C ALA A 133 -10.05 -2.75 -28.17
N VAL A 134 -9.43 -3.46 -27.24
CA VAL A 134 -9.75 -3.29 -25.82
C VAL A 134 -8.52 -3.31 -24.89
N ALA A 135 -8.45 -2.29 -24.04
CA ALA A 135 -7.42 -2.21 -23.00
C ALA A 135 -8.11 -2.32 -21.63
N PHE A 136 -7.52 -3.08 -20.74
CA PHE A 136 -8.12 -3.19 -19.38
C PHE A 136 -7.09 -3.37 -18.31
N PHE A 137 -7.47 -3.05 -17.06
CA PHE A 137 -6.63 -3.31 -15.95
C PHE A 137 -7.46 -3.33 -14.67
N GLU A 138 -6.93 -4.00 -13.64
CA GLU A 138 -7.69 -4.23 -12.38
C GLU A 138 -9.18 -4.54 -12.68
N PRO A 139 -9.43 -5.59 -13.48
CA PRO A 139 -10.74 -5.83 -13.99
C PRO A 139 -11.53 -6.74 -13.06
N VAL A 140 -12.85 -6.58 -13.08
CA VAL A 140 -13.70 -7.71 -12.69
C VAL A 140 -13.88 -8.58 -13.96
N LEU A 141 -13.33 -9.79 -13.89
CA LEU A 141 -13.09 -10.64 -15.04
C LEU A 141 -13.44 -12.07 -14.79
N ARG A 142 -13.08 -12.56 -13.61
CA ARG A 142 -13.19 -13.92 -13.30
C ARG A 142 -13.41 -14.15 -11.82
N ASN A 143 -13.93 -15.32 -11.45
CA ASN A 143 -13.92 -15.77 -10.10
C ASN A 143 -12.60 -15.48 -9.40
N ILE A 144 -12.63 -15.05 -8.14
CA ILE A 144 -11.44 -14.78 -7.45
C ILE A 144 -11.31 -15.68 -6.25
N ASP A 145 -10.09 -16.12 -5.97
CA ASP A 145 -9.83 -16.93 -4.76
C ASP A 145 -9.58 -16.01 -3.57
N SER A 146 -10.37 -16.17 -2.50
CA SER A 146 -10.31 -15.28 -1.34
C SER A 146 -8.91 -15.21 -0.71
N VAL A 147 -8.13 -16.32 -0.84
CA VAL A 147 -6.74 -16.36 -0.33
C VAL A 147 -5.81 -15.38 -1.05
N ASP A 148 -6.16 -15.02 -2.28
CA ASP A 148 -5.40 -14.06 -3.07
C ASP A 148 -5.72 -12.58 -2.85
N LEU A 149 -6.71 -12.26 -2.03
CA LEU A 149 -7.20 -10.88 -1.88
C LEU A 149 -6.80 -10.41 -0.54
N SER A 150 -6.69 -9.10 -0.39
CA SER A 150 -6.42 -8.56 0.91
C SER A 150 -7.48 -9.07 1.90
N PRO A 151 -7.02 -9.69 3.01
CA PRO A 151 -7.93 -10.31 3.95
C PRO A 151 -8.88 -9.37 4.61
N GLU A 152 -8.46 -8.15 4.84
CA GLU A 152 -9.35 -7.18 5.41
C GLU A 152 -10.54 -6.87 4.47
N PHE A 153 -10.28 -6.84 3.18
CA PHE A 153 -11.38 -6.68 2.17
C PHE A 153 -12.29 -7.88 2.16
N VAL A 154 -11.70 -9.08 2.16
CA VAL A 154 -12.50 -10.33 2.20
C VAL A 154 -13.40 -10.39 3.40
N THR A 155 -12.88 -10.03 4.57
CA THR A 155 -13.67 -10.08 5.78
C THR A 155 -14.80 -9.06 5.66
N ARG A 156 -14.46 -7.84 5.29
CA ARG A 156 -15.49 -6.82 5.14
C ARG A 156 -16.55 -7.27 4.12
N ARG A 157 -16.16 -7.78 2.95
CA ARG A 157 -17.12 -8.26 1.98
C ARG A 157 -18.09 -9.30 2.60
N ALA A 158 -17.52 -10.16 3.41
CA ALA A 158 -18.30 -11.24 4.03
C ALA A 158 -19.39 -10.63 4.93
N LYS A 159 -19.00 -9.63 5.73
CA LYS A 159 -19.97 -8.88 6.50
C LYS A 159 -20.99 -8.17 5.64
N LEU A 160 -20.55 -7.56 4.53
CA LEU A 160 -21.47 -6.81 3.64
C LEU A 160 -22.50 -7.72 2.99
N ARG A 161 -22.18 -8.98 2.78
CA ARG A 161 -23.13 -9.91 2.18
C ARG A 161 -24.25 -10.32 3.16
N GLN A 162 -24.14 -9.96 4.43
CA GLN A 162 -25.17 -10.28 5.42
C GLN A 162 -26.25 -9.19 5.25
N PRO A 163 -27.51 -9.60 5.11
CA PRO A 163 -28.63 -8.65 5.17
C PRO A 163 -28.58 -7.72 6.33
N GLY A 164 -28.69 -6.43 6.03
CA GLY A 164 -28.73 -5.43 7.07
C GLY A 164 -27.37 -4.84 7.35
N GLU A 165 -26.43 -5.68 7.77
CA GLU A 165 -25.06 -5.23 8.04
C GLU A 165 -24.41 -4.53 6.87
N GLY A 166 -24.56 -5.09 5.68
CA GLY A 166 -24.05 -4.45 4.49
C GLY A 166 -24.66 -3.06 4.26
N GLU A 167 -25.97 -2.96 4.45
CA GLU A 167 -26.65 -1.64 4.26
C GLU A 167 -26.25 -0.65 5.30
N ILE A 168 -26.15 -1.10 6.54
CA ILE A 168 -25.61 -0.21 7.58
C ILE A 168 -24.21 0.30 7.30
N PHE A 169 -23.25 -0.58 6.96
CA PHE A 169 -21.91 -0.12 6.71
C PHE A 169 -21.81 0.81 5.51
N VAL A 170 -22.39 0.42 4.40
CA VAL A 170 -22.20 1.21 3.16
C VAL A 170 -23.14 2.42 3.10
N GLN A 171 -24.41 2.19 3.46
CA GLN A 171 -25.42 3.20 3.10
C GLN A 171 -25.66 4.10 4.31
N GLN A 172 -25.86 3.55 5.49
CA GLN A 172 -26.10 4.42 6.70
C GLN A 172 -24.86 5.04 7.27
N GLU A 173 -23.86 4.25 7.59
CA GLU A 173 -22.62 4.82 8.12
C GLU A 173 -21.67 5.42 7.04
N ASN A 174 -21.88 5.10 5.76
CA ASN A 174 -21.02 5.58 4.69
C ASN A 174 -19.53 5.24 4.81
N ARG A 175 -19.24 4.10 5.45
CA ARG A 175 -17.89 3.70 5.71
C ARG A 175 -17.15 3.10 4.50
N PHE A 176 -17.88 2.67 3.48
CA PHE A 176 -17.21 2.28 2.25
C PHE A 176 -16.52 3.49 1.63
N LEU A 177 -17.17 4.65 1.67
CA LEU A 177 -16.59 5.85 1.11
C LEU A 177 -15.64 6.61 2.06
N THR A 178 -15.85 6.52 3.40
CA THR A 178 -15.05 7.29 4.34
C THR A 178 -13.88 6.48 4.87
N GLU A 179 -13.94 5.15 4.77
CA GLU A 179 -12.90 4.31 5.35
C GLU A 179 -12.24 3.39 4.35
N LEU A 180 -13.03 2.54 3.73
CA LEU A 180 -12.49 1.45 2.94
C LEU A 180 -11.90 1.98 1.64
N PHE A 181 -12.63 2.87 0.94
CA PHE A 181 -12.20 3.44 -0.29
C PHE A 181 -10.86 4.14 -0.13
N PRO A 182 -10.72 5.10 0.80
CA PRO A 182 -9.39 5.79 0.83
C PRO A 182 -8.27 4.93 1.35
N TRP A 183 -8.57 3.89 2.12
CA TRP A 183 -7.51 2.96 2.54
C TRP A 183 -6.75 2.29 1.45
N PHE A 184 -7.47 1.88 0.38
CA PHE A 184 -6.86 1.02 -0.66
C PHE A 184 -6.23 1.80 -1.79
N PHE A 185 -5.59 2.89 -1.45
CA PHE A 185 -4.78 3.66 -2.36
C PHE A 185 -3.36 3.48 -1.91
N LEU A 186 -2.44 3.37 -2.87
CA LEU A 186 -1.02 3.23 -2.57
C LEU A 186 -0.49 4.59 -2.20
N THR A 187 -0.76 5.57 -3.07
CA THR A 187 -0.47 6.95 -2.78
C THR A 187 -1.73 7.53 -2.25
N PRO A 188 -1.67 8.06 -1.02
CA PRO A 188 -2.89 8.53 -0.40
C PRO A 188 -3.59 9.46 -1.29
N LEU A 189 -4.90 9.39 -1.32
CA LEU A 189 -5.71 10.28 -2.14
C LEU A 189 -5.79 11.67 -1.51
N ALA A 190 -5.53 12.72 -2.29
CA ALA A 190 -5.71 14.10 -1.84
C ALA A 190 -7.12 14.36 -1.28
N PRO A 191 -7.22 15.09 -0.14
CA PRO A 191 -8.52 15.55 0.39
C PRO A 191 -9.52 16.03 -0.64
N GLU A 192 -9.09 16.84 -1.58
CA GLU A 192 -10.02 17.42 -2.54
C GLU A 192 -10.58 16.33 -3.48
N ASP A 193 -9.71 15.41 -3.85
CA ASP A 193 -10.12 14.36 -4.72
C ASP A 193 -11.09 13.42 -3.95
N LEU A 194 -10.79 13.09 -2.70
CA LEU A 194 -11.74 12.23 -1.93
C LEU A 194 -13.10 12.91 -1.86
N ARG A 195 -13.13 14.24 -1.70
CA ARG A 195 -14.43 14.92 -1.66
C ARG A 195 -15.20 14.83 -2.96
N GLN A 196 -14.51 14.93 -4.08
CA GLN A 196 -15.15 14.73 -5.38
C GLN A 196 -15.75 13.35 -5.51
N TYR A 197 -15.06 12.34 -4.99
CA TYR A 197 -15.64 10.98 -5.12
C TYR A 197 -16.90 10.79 -4.22
N GLN A 198 -17.02 11.63 -3.22
CA GLN A 198 -18.08 11.54 -2.21
C GLN A 198 -19.28 12.40 -2.58
N THR A 199 -19.06 13.49 -3.32
CA THR A 199 -20.22 14.36 -3.77
C THR A 199 -21.38 13.63 -4.46
N PRO A 200 -21.12 12.56 -5.23
CA PRO A 200 -22.29 11.86 -5.72
C PRO A 200 -23.22 11.14 -4.71
N PHE A 201 -22.83 11.09 -3.46
CA PHE A 201 -23.38 10.14 -2.55
C PHE A 201 -23.73 10.82 -1.22
N PRO A 202 -24.64 11.84 -1.26
CA PRO A 202 -25.04 12.58 -0.04
C PRO A 202 -25.94 11.83 0.93
N THR A 203 -26.64 10.80 0.43
CA THR A 203 -27.70 10.10 1.16
C THR A 203 -27.50 8.58 1.21
N PRO A 204 -28.07 7.93 2.23
CA PRO A 204 -28.09 6.47 2.20
C PRO A 204 -28.58 5.92 0.91
N HIS A 205 -29.75 6.35 0.41
CA HIS A 205 -30.24 5.73 -0.85
C HIS A 205 -29.34 5.95 -2.07
N SER A 206 -28.68 7.12 -2.13
CA SER A 206 -27.77 7.40 -3.19
C SER A 206 -26.61 6.37 -3.30
N ARG A 207 -26.35 5.68 -2.19
CA ARG A 207 -25.20 4.75 -2.05
C ARG A 207 -25.51 3.29 -2.42
N LYS A 208 -26.70 3.03 -2.93
CA LYS A 208 -27.17 1.70 -3.20
C LYS A 208 -26.23 0.88 -4.08
N ALA A 209 -25.73 1.47 -5.15
CA ALA A 209 -24.96 0.66 -6.11
C ALA A 209 -23.60 0.27 -5.45
N ILE A 210 -23.17 1.06 -4.51
CA ILE A 210 -21.88 0.86 -3.86
C ILE A 210 -21.86 -0.47 -3.13
N LEU A 211 -22.92 -0.79 -2.41
CA LEU A 211 -23.08 -2.09 -1.77
C LEU A 211 -23.25 -3.26 -2.74
N ALA A 212 -23.97 -3.06 -3.85
CA ALA A 212 -24.22 -4.16 -4.79
C ALA A 212 -22.84 -4.70 -5.33
N GLY A 213 -21.91 -3.79 -5.54
CA GLY A 213 -20.55 -4.16 -6.06
C GLY A 213 -19.93 -5.35 -5.35
N PRO A 214 -19.61 -5.19 -4.07
CA PRO A 214 -18.94 -6.30 -3.34
C PRO A 214 -19.79 -7.54 -3.23
N ARG A 215 -21.12 -7.37 -3.12
CA ARG A 215 -22.00 -8.53 -3.12
C ARG A 215 -22.02 -9.29 -4.45
N ASN A 216 -21.84 -8.58 -5.54
CA ASN A 216 -21.87 -9.14 -6.84
C ASN A 216 -20.46 -9.74 -7.21
N LEU A 217 -19.42 -9.20 -6.60
CA LEU A 217 -18.03 -9.68 -6.83
C LEU A 217 -17.87 -11.21 -6.57
N PRO A 218 -17.31 -11.92 -7.55
CA PRO A 218 -17.20 -13.36 -7.41
C PRO A 218 -15.98 -13.83 -6.61
N VAL A 219 -16.19 -14.41 -5.44
CA VAL A 219 -15.11 -14.83 -4.55
C VAL A 219 -15.35 -16.29 -4.16
N ASP A 220 -14.40 -17.20 -4.44
CA ASP A 220 -14.59 -18.58 -4.08
C ASP A 220 -15.85 -19.15 -4.64
N GLY A 221 -16.20 -18.70 -5.81
CA GLY A 221 -17.38 -19.28 -6.44
C GLY A 221 -18.71 -18.60 -6.19
N GLU A 222 -18.80 -17.58 -5.30
CA GLU A 222 -20.10 -16.92 -4.99
C GLU A 222 -19.96 -15.44 -5.28
N PRO A 223 -20.99 -14.82 -5.85
CA PRO A 223 -22.23 -15.54 -6.20
C PRO A 223 -22.07 -16.27 -7.50
N ALA A 224 -22.74 -17.41 -7.58
CA ALA A 224 -22.70 -18.22 -8.82
C ALA A 224 -23.30 -17.53 -10.03
N SER A 225 -24.32 -16.69 -9.85
CA SER A 225 -24.81 -15.89 -10.97
C SER A 225 -23.79 -14.96 -11.63
N THR A 226 -22.92 -14.38 -10.82
CA THR A 226 -21.84 -13.55 -11.36
C THR A 226 -20.78 -14.45 -12.15
N VAL A 227 -20.42 -15.59 -11.60
CA VAL A 227 -19.52 -16.52 -12.33
C VAL A 227 -20.11 -16.78 -13.72
N ALA A 228 -21.40 -17.13 -13.75
CA ALA A 228 -22.10 -17.30 -15.02
C ALA A 228 -22.14 -16.05 -15.92
N PHE A 229 -22.34 -14.85 -15.34
CA PHE A 229 -22.51 -13.70 -16.15
C PHE A 229 -21.18 -13.42 -16.85
N LEU A 230 -20.10 -13.52 -16.07
CA LEU A 230 -18.74 -13.17 -16.55
C LEU A 230 -18.23 -14.20 -17.58
N GLU A 231 -18.68 -15.43 -17.42
CA GLU A 231 -18.33 -16.52 -18.34
C GLU A 231 -18.81 -16.26 -19.83
N GLN A 232 -19.84 -15.44 -19.99
CA GLN A 232 -20.41 -15.17 -21.33
C GLN A 232 -19.45 -14.51 -22.31
N ALA A 233 -18.50 -13.71 -21.80
CA ALA A 233 -17.49 -13.06 -22.67
C ALA A 233 -16.26 -13.94 -22.97
N VAL A 234 -16.18 -15.11 -22.33
CA VAL A 234 -14.96 -15.93 -22.35
C VAL A 234 -14.72 -16.45 -23.76
N ASN A 235 -15.79 -16.86 -24.46
CA ASN A 235 -15.60 -17.32 -25.87
C ASN A 235 -15.03 -16.20 -26.77
N TRP A 236 -15.66 -15.02 -26.72
CA TRP A 236 -15.18 -13.88 -27.46
C TRP A 236 -13.70 -13.53 -27.11
N LEU A 237 -13.36 -13.58 -25.84
CA LEU A 237 -11.95 -13.31 -25.39
C LEU A 237 -10.91 -14.31 -25.95
N ASN A 238 -11.37 -15.56 -26.05
CA ASN A 238 -10.52 -16.65 -26.44
C ASN A 238 -10.35 -16.82 -27.94
N THR A 239 -11.29 -16.26 -28.71
CA THR A 239 -11.40 -16.47 -30.15
C THR A 239 -11.41 -15.21 -30.95
N SER A 240 -11.69 -14.05 -30.39
CA SER A 240 -11.62 -12.84 -31.21
C SER A 240 -10.13 -12.50 -31.53
N ASP A 241 -9.93 -11.86 -32.69
CA ASP A 241 -8.62 -11.35 -33.14
C ASP A 241 -8.40 -9.93 -32.77
N THR A 242 -9.45 -9.30 -32.25
CA THR A 242 -9.34 -7.98 -31.68
C THR A 242 -8.07 -7.86 -30.79
N PRO A 243 -7.27 -6.77 -30.98
CA PRO A 243 -6.06 -6.66 -30.16
C PRO A 243 -6.47 -6.25 -28.72
N LYS A 244 -5.85 -6.90 -27.75
CA LYS A 244 -6.16 -6.70 -26.34
C LYS A 244 -4.88 -6.32 -25.55
N LEU A 245 -5.06 -5.45 -24.55
CA LEU A 245 -3.95 -4.94 -23.74
C LEU A 245 -4.39 -4.99 -22.26
N LEU A 246 -3.63 -5.74 -21.47
CA LEU A 246 -3.75 -5.83 -20.03
C LEU A 246 -2.54 -5.14 -19.39
N LEU A 247 -2.77 -4.15 -18.54
CA LEU A 247 -1.68 -3.55 -17.71
C LEU A 247 -1.65 -4.10 -16.33
N THR A 248 -0.47 -4.47 -15.85
CA THR A 248 -0.37 -5.10 -14.53
C THR A 248 0.37 -4.16 -13.58
N PHE A 249 0.19 -4.42 -12.29
CA PHE A 249 0.64 -3.53 -11.25
C PHE A 249 1.11 -4.33 -10.10
N LYS A 250 2.09 -3.78 -9.38
CA LYS A 250 2.65 -4.41 -8.24
C LYS A 250 2.18 -3.56 -7.02
N PRO A 251 1.47 -4.16 -6.08
CA PRO A 251 0.97 -5.51 -6.01
C PRO A 251 -0.33 -5.79 -6.79
N GLY A 252 -1.05 -4.74 -7.14
CA GLY A 252 -2.35 -4.89 -7.77
C GLY A 252 -3.36 -5.34 -6.75
N PHE A 253 -4.55 -5.76 -7.17
CA PHE A 253 -5.59 -6.07 -6.16
C PHE A 253 -6.52 -7.14 -6.74
N LEU A 254 -7.35 -6.74 -7.70
CA LEU A 254 -8.20 -7.74 -8.36
C LEU A 254 -7.46 -8.68 -9.33
N LEU A 255 -6.40 -8.21 -10.01
CA LEU A 255 -5.62 -9.09 -10.90
C LEU A 255 -4.71 -9.98 -10.10
N THR A 256 -5.24 -11.09 -9.68
CA THR A 256 -4.42 -12.05 -8.92
C THR A 256 -3.53 -12.85 -9.91
N ASP A 257 -2.52 -13.49 -9.37
CA ASP A 257 -1.62 -14.28 -10.24
C ASP A 257 -2.40 -15.37 -10.98
N ALA A 258 -3.29 -16.05 -10.26
CA ALA A 258 -4.09 -17.10 -10.92
C ALA A 258 -4.91 -16.53 -12.06
N ILE A 259 -5.49 -15.31 -11.90
CA ILE A 259 -6.25 -14.72 -13.00
C ILE A 259 -5.34 -14.17 -14.12
N LEU A 260 -4.20 -13.64 -13.73
CA LEU A 260 -3.20 -13.23 -14.71
C LEU A 260 -2.79 -14.45 -15.53
N LYS A 261 -2.49 -15.55 -14.85
CA LYS A 261 -2.10 -16.80 -15.61
C LYS A 261 -3.24 -17.27 -16.51
N TRP A 262 -4.47 -17.33 -15.96
CA TRP A 262 -5.64 -17.55 -16.81
C TRP A 262 -5.67 -16.66 -18.03
N SER A 263 -5.40 -15.38 -17.93
CA SER A 263 -5.66 -14.49 -19.08
C SER A 263 -4.59 -14.81 -20.17
N GLN A 264 -3.35 -15.08 -19.70
CA GLN A 264 -2.18 -15.39 -20.63
C GLN A 264 -2.51 -16.69 -21.41
N VAL A 265 -3.04 -17.68 -20.69
CA VAL A 265 -3.38 -19.00 -21.21
C VAL A 265 -4.66 -18.98 -22.08
N THR A 266 -5.66 -18.18 -21.70
CA THR A 266 -6.98 -18.20 -22.39
C THR A 266 -7.33 -17.11 -23.39
N ILE A 267 -6.81 -15.90 -23.21
CA ILE A 267 -7.26 -14.78 -24.02
C ILE A 267 -6.44 -14.63 -25.27
N ARG A 268 -7.08 -14.35 -26.40
CA ARG A 268 -6.37 -14.28 -27.63
C ARG A 268 -5.87 -12.92 -28.04
N ASN A 269 -4.66 -12.91 -28.60
CA ASN A 269 -4.07 -11.66 -29.09
C ASN A 269 -3.95 -10.55 -27.97
N LEU A 270 -3.47 -11.03 -26.83
CA LEU A 270 -3.38 -10.24 -25.58
C LEU A 270 -1.92 -9.83 -25.43
N GLU A 271 -1.64 -8.53 -25.48
CA GLU A 271 -0.39 -7.95 -24.93
C GLU A 271 -0.57 -7.63 -23.44
N ILE A 272 0.46 -7.94 -22.65
CA ILE A 272 0.51 -7.66 -21.23
C ILE A 272 1.76 -6.86 -20.91
N GLU A 273 1.59 -5.70 -20.27
CA GLU A 273 2.73 -4.83 -19.93
C GLU A 273 2.61 -4.45 -18.45
N ALA A 274 3.73 -4.56 -17.73
CA ALA A 274 3.85 -4.02 -16.39
C ALA A 274 3.75 -2.50 -16.44
N ALA A 275 2.97 -1.92 -15.53
CA ALA A 275 2.81 -0.49 -15.52
C ALA A 275 3.24 0.08 -14.13
N GLY A 276 3.95 -0.72 -13.34
CA GLY A 276 4.57 -0.20 -12.14
C GLY A 276 3.77 -0.42 -10.87
N ALA A 277 3.96 0.48 -9.90
CA ALA A 277 3.50 0.32 -8.54
C ALA A 277 2.03 0.82 -8.48
N GLY A 278 1.17 0.01 -7.92
CA GLY A 278 -0.24 0.39 -7.83
C GLY A 278 -1.03 -0.73 -7.22
N ILE A 279 -2.15 -0.36 -6.61
CA ILE A 279 -3.06 -1.28 -5.95
C ILE A 279 -4.29 -1.55 -6.80
N HIS A 280 -5.20 -0.61 -6.80
CA HIS A 280 -6.45 -0.78 -7.49
C HIS A 280 -6.91 0.39 -8.35
N PHE A 281 -6.99 1.60 -7.76
CA PHE A 281 -7.46 2.80 -8.43
C PHE A 281 -6.25 3.41 -9.17
N VAL A 282 -5.74 2.59 -10.07
CA VAL A 282 -4.42 2.82 -10.68
C VAL A 282 -4.38 4.07 -11.54
N GLN A 283 -5.57 4.52 -12.00
CA GLN A 283 -5.68 5.81 -12.73
C GLN A 283 -5.28 7.02 -11.89
N GLU A 284 -5.43 6.91 -10.56
CA GLU A 284 -4.92 7.94 -9.63
C GLU A 284 -3.47 7.64 -9.26
N GLU A 285 -3.04 6.40 -9.37
CA GLU A 285 -1.70 6.05 -8.90
C GLU A 285 -0.63 6.20 -9.97
N GLN A 286 -0.94 5.83 -11.22
CA GLN A 286 0.06 5.92 -12.30
C GLN A 286 -0.58 6.45 -13.58
N PRO A 287 -1.19 7.66 -13.51
CA PRO A 287 -1.89 8.18 -14.67
C PRO A 287 -0.92 8.42 -15.84
N GLU A 288 0.27 8.91 -15.51
CA GLU A 288 1.33 9.16 -16.54
C GLU A 288 1.76 7.87 -17.19
N THR A 289 2.23 6.90 -16.43
CA THR A 289 2.57 5.59 -17.07
C THR A 289 1.44 4.98 -17.90
N ILE A 290 0.21 4.95 -17.35
CA ILE A 290 -0.93 4.37 -18.06
C ILE A 290 -1.17 5.08 -19.38
N ALA A 291 -1.17 6.39 -19.33
CA ALA A 291 -1.48 7.20 -20.50
C ALA A 291 -0.45 6.99 -21.62
N ARG A 292 0.81 6.88 -21.22
CA ARG A 292 1.96 6.58 -22.09
C ARG A 292 1.89 5.18 -22.71
N LEU A 293 1.55 4.21 -21.89
CA LEU A 293 1.47 2.87 -22.38
C LEU A 293 0.30 2.76 -23.32
N LEU A 294 -0.81 3.47 -23.05
CA LEU A 294 -1.98 3.42 -23.93
C LEU A 294 -1.68 4.12 -25.24
N ASP A 295 -1.07 5.30 -25.11
CA ASP A 295 -0.71 6.06 -26.28
C ASP A 295 0.18 5.22 -27.21
N ALA A 296 1.25 4.60 -26.69
CA ALA A 296 2.08 3.79 -27.56
C ALA A 296 1.23 2.65 -28.20
N TRP A 297 0.36 2.04 -27.38
CA TRP A 297 -0.53 0.97 -27.84
C TRP A 297 -1.44 1.38 -28.99
N LEU A 298 -2.16 2.50 -28.84
CA LEU A 298 -3.11 2.99 -29.87
C LEU A 298 -2.42 3.29 -31.19
N THR A 299 -1.23 3.88 -31.09
CA THR A 299 -0.30 4.07 -32.23
C THR A 299 -0.04 2.72 -32.95
N ARG A 300 0.53 1.70 -32.28
CA ARG A 300 0.52 0.35 -32.90
C ARG A 300 -0.90 0.07 -33.46
N PRO B 12 20.52 -19.72 14.99
CA PRO B 12 19.88 -18.60 14.27
C PRO B 12 19.21 -19.06 13.00
N HIS B 13 18.09 -18.45 12.67
CA HIS B 13 17.31 -18.83 11.53
C HIS B 13 18.20 -18.95 10.31
N SER B 14 17.93 -19.96 9.47
CA SER B 14 18.69 -20.22 8.25
C SER B 14 18.67 -19.07 7.29
N ALA B 15 17.68 -18.21 7.43
CA ALA B 15 17.56 -17.13 6.47
C ALA B 15 18.71 -16.09 6.64
N PHE B 16 19.38 -16.06 7.78
CA PHE B 16 20.55 -15.17 7.98
C PHE B 16 21.77 -15.73 7.22
N GLY B 17 21.67 -16.97 6.72
CA GLY B 17 22.63 -17.56 5.79
C GLY B 17 23.67 -18.40 6.49
N ASP B 18 24.47 -19.09 5.70
CA ASP B 18 25.49 -19.99 6.23
C ASP B 18 26.54 -19.24 7.05
N GLY B 19 26.80 -19.77 8.24
CA GLY B 19 27.89 -19.33 9.12
C GLY B 19 27.47 -18.34 10.18
N ALA B 20 26.17 -18.04 10.24
CA ALA B 20 25.64 -17.11 11.24
C ALA B 20 25.56 -17.74 12.60
N LYS B 21 25.77 -16.97 13.64
CA LYS B 21 25.73 -17.49 15.00
C LYS B 21 24.80 -16.62 15.79
N ALA B 22 24.45 -17.06 17.01
CA ALA B 22 23.67 -16.27 17.95
C ALA B 22 24.08 -16.49 19.38
N TYR B 23 23.99 -15.45 20.20
CA TYR B 23 24.32 -15.57 21.61
C TYR B 23 23.56 -14.51 22.27
N ASP B 24 23.58 -14.51 23.58
CA ASP B 24 23.00 -13.47 24.33
C ASP B 24 24.07 -12.58 24.88
N VAL B 25 23.78 -11.28 24.93
CA VAL B 25 24.66 -10.31 25.54
C VAL B 25 24.03 -9.77 26.82
N PRO B 26 24.73 -9.96 27.96
CA PRO B 26 24.21 -9.38 29.19
C PRO B 26 24.15 -7.88 29.17
N ALA B 27 23.09 -7.32 29.75
CA ALA B 27 22.92 -5.87 29.82
C ALA B 27 21.97 -5.54 30.99
N PHE B 28 22.43 -4.68 31.92
CA PHE B 28 21.69 -4.32 33.12
C PHE B 28 20.89 -5.49 33.71
N GLY B 29 21.47 -6.68 33.71
CA GLY B 29 20.87 -7.85 34.32
C GLY B 29 19.88 -8.62 33.48
N LEU B 30 19.71 -8.18 32.23
CA LEU B 30 18.87 -8.83 31.23
C LEU B 30 19.73 -9.51 30.16
N GLN B 31 19.11 -10.05 29.13
CA GLN B 31 19.81 -10.69 27.98
C GLN B 31 19.39 -10.07 26.61
N ILE B 32 20.39 -9.66 25.79
CA ILE B 32 20.15 -9.15 24.42
C ILE B 32 20.53 -10.14 23.42
N HIS B 33 19.54 -10.76 22.77
CA HIS B 33 19.82 -11.67 21.76
C HIS B 33 20.45 -10.98 20.53
N THR B 34 21.46 -11.60 19.96
CA THR B 34 22.34 -11.03 18.93
C THR B 34 22.66 -12.06 17.92
N VAL B 35 22.47 -11.76 16.64
CA VAL B 35 22.84 -12.60 15.53
C VAL B 35 24.08 -12.01 14.89
N GLU B 36 25.07 -12.82 14.65
CA GLU B 36 26.37 -12.33 14.15
C GLU B 36 26.83 -13.14 12.95
N HIS B 37 27.45 -12.47 11.98
CA HIS B 37 28.13 -13.12 10.89
C HIS B 37 29.45 -12.41 10.50
N GLY B 38 30.49 -13.20 10.21
CA GLY B 38 31.71 -12.73 9.55
C GLY B 38 32.65 -11.99 10.49
N SER B 39 33.56 -11.24 9.90
CA SER B 39 34.63 -10.58 10.67
C SER B 39 34.93 -9.25 9.95
N GLY B 40 35.54 -8.32 10.65
CA GLY B 40 35.78 -7.02 10.04
C GLY B 40 35.12 -5.91 10.84
N ALA B 41 34.98 -4.77 10.19
CA ALA B 41 34.34 -3.64 10.81
C ALA B 41 32.85 -4.02 11.06
N PRO B 42 32.32 -3.70 12.25
CA PRO B 42 30.97 -4.14 12.62
C PRO B 42 29.94 -3.31 11.88
N ILE B 43 28.93 -4.01 11.35
CA ILE B 43 27.72 -3.44 10.75
C ILE B 43 26.50 -3.87 11.59
N VAL B 44 25.86 -2.90 12.24
CA VAL B 44 24.86 -3.12 13.27
C VAL B 44 23.47 -2.73 12.79
N PHE B 45 22.60 -3.73 12.75
CA PHE B 45 21.22 -3.56 12.29
C PHE B 45 20.25 -3.44 13.49
N LEU B 46 19.47 -2.34 13.60
CA LEU B 46 18.52 -2.18 14.71
C LEU B 46 17.11 -1.98 14.13
N HIS B 47 16.23 -2.91 14.46
CA HIS B 47 14.82 -2.90 14.10
C HIS B 47 14.05 -1.98 15.00
N GLY B 48 12.73 -1.93 14.79
CA GLY B 48 11.87 -1.23 15.69
C GLY B 48 10.61 -2.03 16.07
N ASN B 49 9.49 -1.34 16.19
CA ASN B 49 8.27 -1.93 16.73
C ASN B 49 7.33 -2.37 15.61
N PRO B 50 6.81 -3.61 15.65
CA PRO B 50 6.98 -4.69 16.62
C PRO B 50 7.78 -5.89 16.10
N THR B 51 9.01 -5.67 15.62
CA THR B 51 9.74 -6.67 14.83
C THR B 51 10.94 -7.12 15.70
N SER B 52 12.01 -7.58 15.03
CA SER B 52 13.18 -8.18 15.67
C SER B 52 14.27 -8.26 14.63
N SER B 53 15.41 -8.85 15.00
CA SER B 53 16.45 -9.12 14.04
C SER B 53 15.95 -9.87 12.78
N TYR B 54 14.87 -10.62 12.90
CA TYR B 54 14.33 -11.37 11.78
C TYR B 54 13.96 -10.52 10.55
N LEU B 55 13.55 -9.29 10.78
CA LEU B 55 13.18 -8.35 9.73
C LEU B 55 14.33 -8.14 8.76
N TRP B 56 15.55 -8.21 9.29
CA TRP B 56 16.74 -7.91 8.50
C TRP B 56 17.26 -9.08 7.76
N ARG B 57 16.65 -10.26 7.93
CA ARG B 57 17.29 -11.51 7.51
C ARG B 57 17.85 -11.56 6.08
N HIS B 58 17.08 -11.09 5.10
CA HIS B 58 17.42 -11.14 3.69
C HIS B 58 18.48 -10.11 3.28
N ILE B 59 18.34 -8.91 3.84
CA ILE B 59 19.35 -7.89 3.69
C ILE B 59 20.68 -8.35 4.30
N PHE B 60 20.63 -8.85 5.56
CA PHE B 60 21.82 -9.37 6.29
C PHE B 60 22.54 -10.40 5.40
N ARG B 61 21.79 -11.38 4.91
CA ARG B 61 22.39 -12.45 4.13
C ARG B 61 22.99 -11.94 2.82
N ARG B 62 22.36 -10.95 2.22
CA ARG B 62 22.90 -10.34 1.03
C ARG B 62 24.17 -9.60 1.32
N LEU B 63 24.43 -9.17 2.55
CA LEU B 63 25.63 -8.34 2.80
C LEU B 63 26.78 -9.16 3.41
N HIS B 64 26.72 -10.49 3.30
CA HIS B 64 27.81 -11.35 3.78
C HIS B 64 29.21 -10.91 3.26
N GLY B 65 30.20 -10.85 4.14
CA GLY B 65 31.53 -10.43 3.76
C GLY B 65 31.81 -8.93 3.70
N HIS B 66 30.80 -8.06 3.93
CA HIS B 66 31.10 -6.61 4.00
C HIS B 66 31.75 -6.26 5.29
N GLY B 67 31.69 -7.15 6.27
CA GLY B 67 32.14 -6.89 7.60
C GLY B 67 31.52 -7.84 8.62
N ARG B 68 31.65 -7.51 9.89
CA ARG B 68 31.05 -8.29 10.93
C ARG B 68 29.55 -7.88 11.15
N LEU B 69 28.66 -8.60 10.51
CA LEU B 69 27.22 -8.31 10.60
C LEU B 69 26.67 -8.63 12.00
N LEU B 70 26.04 -7.66 12.65
CA LEU B 70 25.39 -7.84 13.87
C LEU B 70 23.92 -7.31 13.86
N ALA B 71 22.96 -8.24 14.05
CA ALA B 71 21.54 -7.86 14.23
C ALA B 71 21.03 -8.23 15.64
N VAL B 72 20.47 -7.25 16.32
CA VAL B 72 20.03 -7.39 17.69
C VAL B 72 18.50 -7.53 17.73
N ASP B 73 18.03 -8.25 18.73
CA ASP B 73 16.68 -8.05 19.24
C ASP B 73 16.68 -7.14 20.41
N LEU B 74 16.00 -6.02 20.27
CA LEU B 74 16.00 -5.11 21.34
C LEU B 74 15.30 -5.77 22.53
N ILE B 75 15.64 -5.28 23.73
CA ILE B 75 14.92 -5.67 24.96
C ILE B 75 13.46 -5.36 24.72
N GLY B 76 12.65 -6.39 24.96
CA GLY B 76 11.23 -6.27 24.75
C GLY B 76 10.81 -7.07 23.57
N TYR B 77 11.75 -7.63 22.81
CA TYR B 77 11.45 -8.19 21.50
C TYR B 77 12.21 -9.44 21.26
N GLY B 78 11.79 -10.15 20.21
CA GLY B 78 12.52 -11.24 19.64
C GLY B 78 12.82 -12.31 20.71
N GLN B 79 14.09 -12.71 20.83
CA GLN B 79 14.51 -13.62 21.88
C GLN B 79 15.26 -12.95 23.02
N SER B 80 15.11 -11.65 23.19
CA SER B 80 15.68 -10.96 24.33
C SER B 80 14.72 -10.95 25.48
N SER B 81 15.22 -10.50 26.62
CA SER B 81 14.41 -10.46 27.80
C SER B 81 13.25 -9.57 27.55
N LYS B 82 12.21 -9.70 28.36
CA LYS B 82 11.06 -8.79 28.32
C LYS B 82 10.60 -8.47 29.73
N PRO B 83 11.41 -7.72 30.48
CA PRO B 83 11.07 -7.33 31.84
C PRO B 83 9.86 -6.43 31.98
N ASP B 84 9.20 -6.52 33.14
CA ASP B 84 8.07 -5.69 33.43
C ASP B 84 8.49 -4.30 33.84
N ILE B 85 9.21 -3.60 32.93
CA ILE B 85 9.60 -2.21 33.21
C ILE B 85 8.70 -1.31 32.50
N GLU B 86 8.84 0.00 32.75
CA GLU B 86 8.18 0.96 31.89
C GLU B 86 9.13 1.13 30.66
N TYR B 87 8.62 0.94 29.45
CA TYR B 87 9.48 1.05 28.23
C TYR B 87 9.64 2.49 27.79
N THR B 88 10.20 3.32 28.67
CA THR B 88 10.34 4.72 28.28
C THR B 88 11.59 4.70 27.39
N LEU B 89 11.76 5.78 26.66
CA LEU B 89 12.90 5.87 25.76
C LEU B 89 14.21 5.77 26.52
N GLU B 90 14.28 6.43 27.68
CA GLU B 90 15.53 6.43 28.44
C GLU B 90 15.85 5.07 28.89
N ASN B 91 14.82 4.33 29.29
CA ASN B 91 15.06 2.93 29.67
C ASN B 91 15.45 1.99 28.54
N GLN B 92 14.81 2.10 27.36
CA GLN B 92 15.32 1.33 26.22
C GLN B 92 16.73 1.74 25.75
N GLN B 93 17.02 3.02 25.69
CA GLN B 93 18.37 3.45 25.31
C GLN B 93 19.45 2.85 26.14
N ARG B 94 19.25 2.76 27.45
N ARG B 94 19.21 2.76 27.45
CA ARG B 94 20.36 2.32 28.30
CA ARG B 94 20.25 2.30 28.37
C ARG B 94 20.74 0.88 28.02
C ARG B 94 20.71 0.91 28.03
N TYR B 95 19.79 0.05 27.58
CA TYR B 95 20.15 -1.29 27.21
C TYR B 95 20.94 -1.38 25.90
N VAL B 96 20.53 -0.55 24.95
CA VAL B 96 21.31 -0.41 23.70
C VAL B 96 22.73 0.10 24.02
N ASP B 97 22.86 1.12 24.84
CA ASP B 97 24.19 1.64 25.25
C ASP B 97 25.03 0.49 25.84
N ALA B 98 24.36 -0.26 26.71
CA ALA B 98 25.01 -1.37 27.39
C ALA B 98 25.46 -2.44 26.39
N TRP B 99 24.69 -2.72 25.32
CA TRP B 99 25.13 -3.70 24.34
C TRP B 99 26.44 -3.31 23.57
N PHE B 100 26.44 -2.11 23.01
CA PHE B 100 27.62 -1.58 22.36
C PHE B 100 28.92 -1.60 23.27
N ASP B 101 28.72 -1.38 24.54
CA ASP B 101 29.86 -1.30 25.52
C ASP B 101 30.29 -2.69 25.85
N ALA B 102 29.36 -3.65 25.87
CA ALA B 102 29.76 -5.06 26.05
C ALA B 102 30.49 -5.65 24.90
N LEU B 103 30.13 -5.29 23.69
CA LEU B 103 30.90 -5.78 22.56
C LEU B 103 32.11 -4.87 22.26
N ASP B 104 32.14 -3.74 22.90
CA ASP B 104 33.20 -2.73 22.79
C ASP B 104 33.49 -2.35 21.34
N LEU B 105 32.40 -2.08 20.63
CA LEU B 105 32.51 -1.85 19.24
C LEU B 105 33.18 -0.48 18.94
N ARG B 106 33.94 -0.45 17.86
CA ARG B 106 34.42 0.78 17.23
C ARG B 106 34.25 0.66 15.75
N ASN B 107 34.48 1.78 15.06
CA ASN B 107 34.35 1.78 13.64
C ASN B 107 32.97 1.28 13.12
N VAL B 108 31.92 1.66 13.84
CA VAL B 108 30.62 1.02 13.65
C VAL B 108 29.88 1.68 12.47
N THR B 109 29.37 0.85 11.57
CA THR B 109 28.33 1.24 10.63
C THR B 109 26.95 0.83 11.18
N LEU B 110 26.07 1.83 11.34
CA LEU B 110 24.67 1.62 11.76
C LEU B 110 23.70 1.51 10.60
N VAL B 111 22.79 0.53 10.68
CA VAL B 111 21.74 0.36 9.74
C VAL B 111 20.41 0.30 10.53
N LEU B 112 19.58 1.36 10.41
CA LEU B 112 18.51 1.64 11.35
C LEU B 112 17.15 1.90 10.72
N GLN B 113 16.11 1.47 11.43
CA GLN B 113 14.76 1.61 10.95
C GLN B 113 13.82 1.74 12.14
N ASP B 114 12.77 2.56 11.99
CA ASP B 114 11.74 2.77 13.02
C ASP B 114 12.46 3.20 14.32
N TRP B 115 12.08 2.67 15.50
CA TRP B 115 12.71 3.10 16.80
C TRP B 115 14.23 2.77 16.81
N GLY B 116 14.63 1.75 16.06
CA GLY B 116 16.05 1.47 15.86
C GLY B 116 16.82 2.74 15.47
N ALA B 117 16.18 3.59 14.67
CA ALA B 117 16.81 4.86 14.29
C ALA B 117 16.97 5.81 15.48
N ALA B 118 15.92 5.92 16.30
CA ALA B 118 15.97 6.80 17.44
C ALA B 118 17.13 6.38 18.35
N PHE B 119 17.23 5.09 18.64
CA PHE B 119 18.22 4.58 19.57
C PHE B 119 19.60 4.55 19.01
N GLY B 120 19.73 4.25 17.71
CA GLY B 120 21.04 4.21 17.09
C GLY B 120 21.63 5.59 16.93
N LEU B 121 20.80 6.54 16.48
CA LEU B 121 21.22 7.93 16.39
C LEU B 121 21.55 8.54 17.73
N ASN B 122 20.73 8.24 18.76
CA ASN B 122 21.03 8.75 20.10
C ASN B 122 22.40 8.23 20.57
N TRP B 123 22.65 6.94 20.39
CA TRP B 123 23.93 6.37 20.72
C TRP B 123 25.07 7.04 19.94
N ALA B 124 24.88 7.15 18.63
CA ALA B 124 25.87 7.85 17.78
C ALA B 124 26.23 9.25 18.30
N SER B 125 25.24 10.03 18.66
CA SER B 125 25.41 11.40 19.09
C SER B 125 26.24 11.55 20.39
N ARG B 126 26.19 10.53 21.22
CA ARG B 126 27.02 10.46 22.43
C ARG B 126 28.31 9.72 22.23
N ASN B 127 28.46 9.01 21.14
CA ASN B 127 29.67 8.23 20.87
C ASN B 127 30.23 8.58 19.50
N PRO B 128 30.37 9.86 19.20
CA PRO B 128 30.81 10.26 17.79
C PRO B 128 32.07 9.58 17.27
N ASP B 129 33.02 9.27 18.17
CA ASP B 129 34.28 8.74 17.76
C ASP B 129 34.20 7.26 17.53
N ARG B 130 33.11 6.60 17.90
CA ARG B 130 32.96 5.19 17.59
C ARG B 130 32.20 4.85 16.30
N VAL B 131 31.69 5.86 15.60
CA VAL B 131 30.77 5.65 14.47
C VAL B 131 31.49 5.95 13.17
N ARG B 132 31.43 5.04 12.23
CA ARG B 132 32.04 5.22 10.90
C ARG B 132 31.03 5.79 9.89
N ALA B 133 29.78 5.28 9.96
CA ALA B 133 28.79 5.62 9.00
C ALA B 133 27.40 5.21 9.53
N VAL B 134 26.38 5.86 8.99
CA VAL B 134 25.00 5.54 9.40
C VAL B 134 24.03 5.53 8.21
N ALA B 135 23.27 4.44 8.03
CA ALA B 135 22.19 4.40 7.04
C ALA B 135 20.85 4.20 7.78
N PHE B 136 19.76 4.81 7.30
CA PHE B 136 18.46 4.71 7.95
C PHE B 136 17.34 4.90 6.94
N PHE B 137 16.19 4.40 7.34
CA PHE B 137 15.00 4.53 6.58
C PHE B 137 13.80 4.26 7.49
N GLU B 138 12.65 4.79 7.07
CA GLU B 138 11.43 4.74 7.88
C GLU B 138 11.81 4.89 9.39
N PRO B 139 12.50 6.00 9.75
CA PRO B 139 13.03 6.14 11.03
C PRO B 139 12.04 6.85 11.97
N VAL B 140 12.15 6.54 13.25
CA VAL B 140 11.63 7.47 14.26
C VAL B 140 12.72 8.50 14.50
N LEU B 141 12.43 9.77 14.18
CA LEU B 141 13.47 10.81 13.99
C LEU B 141 13.03 12.20 14.45
N ARG B 142 11.80 12.55 14.18
CA ARG B 142 11.29 13.89 14.36
C ARG B 142 9.78 13.78 14.72
N ASN B 143 9.24 14.77 15.39
CA ASN B 143 7.80 14.97 15.44
C ASN B 143 7.10 14.84 14.08
N ILE B 144 6.03 14.05 14.05
CA ILE B 144 5.25 13.79 12.87
C ILE B 144 3.90 14.52 13.03
N ASP B 145 3.43 15.13 11.95
CA ASP B 145 2.08 15.70 11.88
C ASP B 145 1.08 14.60 11.58
N SER B 146 0.05 14.48 12.41
CA SER B 146 -0.99 13.45 12.24
C SER B 146 -1.62 13.52 10.88
N VAL B 147 -1.71 14.69 10.29
CA VAL B 147 -2.35 14.77 8.98
C VAL B 147 -1.57 14.02 7.92
N ASP B 148 -0.31 13.78 8.21
CA ASP B 148 0.57 13.11 7.25
C ASP B 148 0.62 11.59 7.43
N LEU B 149 -0.09 11.02 8.43
CA LEU B 149 -0.16 9.58 8.61
C LEU B 149 -1.50 9.05 8.20
N SER B 150 -1.56 7.78 7.82
CA SER B 150 -2.85 7.10 7.64
C SER B 150 -3.83 7.34 8.79
N PRO B 151 -5.04 7.77 8.47
CA PRO B 151 -6.03 7.95 9.59
C PRO B 151 -6.28 6.66 10.39
N GLU B 152 -6.26 5.49 9.76
CA GLU B 152 -6.40 4.18 10.49
C GLU B 152 -5.35 4.01 11.64
N PHE B 153 -4.13 4.49 11.39
CA PHE B 153 -3.12 4.39 12.41
C PHE B 153 -3.34 5.46 13.47
N VAL B 154 -3.57 6.70 13.05
CA VAL B 154 -3.71 7.82 13.99
C VAL B 154 -4.87 7.55 14.97
N THR B 155 -6.03 7.13 14.44
CA THR B 155 -7.19 6.95 15.34
C THR B 155 -6.91 5.77 16.27
N ARG B 156 -6.28 4.70 15.77
CA ARG B 156 -5.90 3.61 16.68
C ARG B 156 -4.90 4.04 17.73
N ARG B 157 -3.88 4.75 17.29
CA ARG B 157 -2.90 5.27 18.24
C ARG B 157 -3.54 6.10 19.40
N ALA B 158 -4.44 7.00 19.05
CA ALA B 158 -5.10 7.81 20.13
C ALA B 158 -5.82 6.86 21.10
N LYS B 159 -6.44 5.79 20.59
CA LYS B 159 -7.08 4.83 21.47
C LYS B 159 -6.09 4.11 22.38
N LEU B 160 -4.95 3.70 21.83
CA LEU B 160 -3.91 3.09 22.65
C LEU B 160 -3.33 3.92 23.75
N ARG B 161 -3.36 5.22 23.59
CA ARG B 161 -2.78 6.12 24.55
C ARG B 161 -3.65 6.15 25.82
N GLN B 162 -4.90 5.76 25.69
CA GLN B 162 -5.83 5.67 26.86
C GLN B 162 -5.44 4.56 27.84
N PRO B 163 -5.26 4.89 29.15
CA PRO B 163 -4.82 3.84 30.08
C PRO B 163 -5.80 2.68 30.08
N GLY B 164 -5.31 1.50 30.37
CA GLY B 164 -6.13 0.29 30.23
C GLY B 164 -6.58 -0.13 28.84
N GLU B 165 -7.21 0.76 28.09
CA GLU B 165 -7.64 0.48 26.73
C GLU B 165 -6.48 0.05 25.76
N GLY B 166 -5.32 0.71 25.84
CA GLY B 166 -4.13 0.26 25.06
C GLY B 166 -3.73 -1.14 25.43
N GLU B 167 -3.65 -1.41 26.73
CA GLU B 167 -3.26 -2.71 27.21
C GLU B 167 -4.22 -3.83 26.71
N ILE B 168 -5.51 -3.55 26.70
CA ILE B 168 -6.50 -4.57 26.26
C ILE B 168 -6.29 -4.92 24.79
N PHE B 169 -6.22 -3.88 23.94
CA PHE B 169 -6.02 -4.03 22.50
C PHE B 169 -4.72 -4.76 22.15
N VAL B 170 -3.59 -4.28 22.67
CA VAL B 170 -2.24 -4.78 22.31
C VAL B 170 -1.84 -6.05 23.05
N GLN B 171 -2.10 -6.05 24.34
CA GLN B 171 -1.72 -7.15 25.12
C GLN B 171 -2.81 -8.27 25.18
N GLN B 172 -4.01 -7.96 25.69
CA GLN B 172 -4.97 -9.01 25.98
C GLN B 172 -5.57 -9.61 24.72
N GLU B 173 -5.95 -8.76 23.79
CA GLU B 173 -6.57 -9.17 22.57
C GLU B 173 -5.52 -9.48 21.48
N ASN B 174 -4.27 -9.07 21.63
CA ASN B 174 -3.22 -9.20 20.59
C ASN B 174 -3.53 -8.58 19.25
N ARG B 175 -4.27 -7.50 19.22
CA ARG B 175 -4.71 -6.94 17.94
C ARG B 175 -3.68 -6.10 17.18
N PHE B 176 -2.61 -5.70 17.85
CA PHE B 176 -1.52 -5.01 17.19
C PHE B 176 -0.85 -6.01 16.25
N LEU B 177 -0.52 -7.15 16.77
CA LEU B 177 0.08 -8.19 15.98
C LEU B 177 -0.81 -8.98 15.04
N THR B 178 -2.13 -9.10 15.31
CA THR B 178 -3.01 -9.88 14.45
C THR B 178 -3.77 -9.02 13.49
N GLU B 179 -3.79 -7.71 13.69
CA GLU B 179 -4.53 -6.83 12.79
C GLU B 179 -3.72 -5.67 12.22
N LEU B 180 -3.28 -4.77 13.11
CA LEU B 180 -2.65 -3.52 12.71
C LEU B 180 -1.32 -3.78 11.97
N PHE B 181 -0.53 -4.70 12.50
CA PHE B 181 0.76 -5.02 11.89
C PHE B 181 0.62 -5.56 10.46
N PRO B 182 -0.13 -6.67 10.26
CA PRO B 182 -0.16 -7.26 8.92
C PRO B 182 -0.89 -6.43 7.94
N TRP B 183 -1.71 -5.49 8.39
CA TRP B 183 -2.39 -4.59 7.43
C TRP B 183 -1.48 -3.60 6.74
N PHE B 184 -0.38 -3.25 7.38
CA PHE B 184 0.40 -2.16 6.92
C PHE B 184 1.55 -2.69 6.03
N PHE B 185 1.41 -3.85 5.49
CA PHE B 185 2.29 -4.32 4.42
C PHE B 185 1.71 -4.13 3.02
N LEU B 186 2.58 -3.74 2.10
CA LEU B 186 2.16 -3.53 0.71
C LEU B 186 1.83 -4.85 0.10
N THR B 187 2.62 -5.87 0.44
CA THR B 187 2.28 -7.21 0.06
C THR B 187 2.25 -8.18 1.27
N PRO B 188 1.32 -9.11 1.36
CA PRO B 188 1.19 -9.75 2.69
C PRO B 188 2.34 -10.66 3.03
N LEU B 189 2.59 -10.89 4.30
CA LEU B 189 3.60 -11.79 4.70
C LEU B 189 3.10 -13.21 4.51
N ALA B 190 3.98 -14.10 4.08
CA ALA B 190 3.65 -15.50 4.09
C ALA B 190 3.34 -15.89 5.58
N PRO B 191 2.44 -16.89 5.79
CA PRO B 191 2.06 -17.24 7.17
C PRO B 191 3.21 -17.55 8.06
N GLU B 192 4.22 -18.25 7.53
CA GLU B 192 5.43 -18.62 8.28
C GLU B 192 6.21 -17.41 8.79
N ASP B 193 6.26 -16.35 7.98
CA ASP B 193 6.92 -15.11 8.37
C ASP B 193 6.04 -14.39 9.43
N LEU B 194 4.72 -14.33 9.25
CA LEU B 194 3.89 -13.71 10.27
C LEU B 194 3.97 -14.47 11.61
N ARG B 195 4.02 -15.79 11.57
CA ARG B 195 4.28 -16.58 12.78
C ARG B 195 5.65 -16.30 13.38
N GLN B 196 6.69 -16.07 12.56
CA GLN B 196 7.96 -15.72 13.15
C GLN B 196 7.88 -14.43 13.96
N TYR B 197 7.12 -13.48 13.46
CA TYR B 197 6.89 -12.23 14.20
C TYR B 197 5.99 -12.33 15.41
N GLN B 198 5.12 -13.35 15.45
CA GLN B 198 4.24 -13.58 16.61
C GLN B 198 4.80 -14.53 17.68
N THR B 199 5.73 -15.40 17.31
CA THR B 199 6.32 -16.37 18.24
C THR B 199 7.02 -15.77 19.47
N PRO B 200 7.69 -14.60 19.36
CA PRO B 200 8.20 -13.98 20.58
C PRO B 200 7.18 -13.52 21.58
N PHE B 201 5.91 -13.53 21.20
CA PHE B 201 4.88 -12.86 21.97
C PHE B 201 3.71 -13.81 22.35
N PRO B 202 4.04 -14.81 23.12
CA PRO B 202 2.95 -15.80 23.45
C PRO B 202 1.99 -15.35 24.51
N THR B 203 2.29 -14.29 25.25
CA THR B 203 1.38 -13.88 26.31
C THR B 203 1.12 -12.37 26.26
N PRO B 204 -0.03 -11.91 26.81
CA PRO B 204 -0.27 -10.46 26.91
C PRO B 204 0.86 -9.77 27.71
N HIS B 205 1.41 -10.44 28.71
CA HIS B 205 2.53 -9.90 29.46
C HIS B 205 3.76 -9.69 28.58
N SER B 206 4.05 -10.64 27.69
CA SER B 206 5.22 -10.56 26.85
C SER B 206 5.12 -9.34 25.89
N ARG B 207 3.93 -8.74 25.71
CA ARG B 207 3.62 -7.78 24.65
C ARG B 207 3.77 -6.34 25.05
N LYS B 208 4.39 -6.11 26.21
CA LYS B 208 4.46 -4.77 26.81
C LYS B 208 5.12 -3.62 25.97
N ALA B 209 6.22 -3.95 25.37
CA ALA B 209 7.02 -3.03 24.54
C ALA B 209 6.22 -2.64 23.30
N ILE B 210 5.42 -3.56 22.79
CA ILE B 210 4.56 -3.27 21.59
C ILE B 210 3.67 -2.07 21.78
N LEU B 211 3.07 -1.96 22.98
CA LEU B 211 2.19 -0.85 23.27
C LEU B 211 2.87 0.47 23.54
N ALA B 212 4.05 0.38 24.12
CA ALA B 212 4.85 1.57 24.44
C ALA B 212 5.23 2.40 23.21
N GLY B 213 5.50 1.68 22.13
CA GLY B 213 5.91 2.31 20.85
C GLY B 213 5.03 3.41 20.42
N PRO B 214 3.78 3.09 20.14
CA PRO B 214 2.86 4.11 19.66
C PRO B 214 2.60 5.19 20.69
N ARG B 215 2.69 4.78 21.96
CA ARG B 215 2.53 5.78 23.09
C ARG B 215 3.73 6.72 23.11
N ASN B 216 4.91 6.20 22.80
CA ASN B 216 6.12 7.01 22.67
C ASN B 216 6.28 7.76 21.35
N LEU B 217 5.64 7.28 20.28
CA LEU B 217 5.77 7.93 19.00
C LEU B 217 5.32 9.39 19.06
N PRO B 218 6.13 10.33 18.51
CA PRO B 218 5.77 11.75 18.61
C PRO B 218 4.87 12.20 17.50
N VAL B 219 3.60 12.50 17.83
CA VAL B 219 2.65 12.95 16.86
C VAL B 219 2.02 14.26 17.36
N ASP B 220 1.99 15.27 16.51
CA ASP B 220 1.46 16.61 16.86
C ASP B 220 2.05 17.13 18.17
N GLY B 221 3.29 16.77 18.44
CA GLY B 221 4.06 17.27 19.56
C GLY B 221 3.97 16.50 20.83
N GLU B 222 3.15 15.45 20.85
CA GLU B 222 3.08 14.59 22.02
C GLU B 222 3.52 13.16 21.75
N PRO B 223 4.16 12.55 22.73
CA PRO B 223 4.54 13.21 23.99
C PRO B 223 5.76 14.10 23.87
N ALA B 224 5.76 15.21 24.64
CA ALA B 224 6.83 16.19 24.55
C ALA B 224 8.12 15.55 24.98
N SER B 225 8.11 14.66 25.95
CA SER B 225 9.33 13.99 26.32
C SER B 225 10.02 13.22 25.13
N THR B 226 9.25 12.71 24.17
CA THR B 226 9.86 12.01 23.01
C THR B 226 10.48 13.09 22.09
N VAL B 227 9.76 14.19 21.86
CA VAL B 227 10.28 15.33 21.11
C VAL B 227 11.63 15.70 21.73
N ALA B 228 11.67 15.83 23.05
CA ALA B 228 12.91 16.11 23.75
C ALA B 228 13.99 15.06 23.62
N PHE B 229 13.66 13.77 23.73
CA PHE B 229 14.65 12.75 23.64
C PHE B 229 15.29 12.74 22.21
N LEU B 230 14.45 12.88 21.20
CA LEU B 230 14.94 12.88 19.79
C LEU B 230 15.84 14.10 19.45
N GLU B 231 15.52 15.25 20.04
CA GLU B 231 16.27 16.48 19.84
C GLU B 231 17.74 16.37 20.25
N GLN B 232 18.03 15.46 21.13
CA GLN B 232 19.36 15.24 21.62
C GLN B 232 20.39 14.84 20.52
N ALA B 233 19.94 14.18 19.46
CA ALA B 233 20.84 13.80 18.36
C ALA B 233 20.99 14.84 17.26
N VAL B 234 20.22 15.92 17.31
CA VAL B 234 20.14 16.85 16.22
C VAL B 234 21.46 17.55 15.99
N ASN B 235 22.15 17.95 17.06
CA ASN B 235 23.45 18.58 16.91
C ASN B 235 24.45 17.72 16.21
N TRP B 236 24.55 16.43 16.61
CA TRP B 236 25.36 15.46 15.92
C TRP B 236 24.95 15.32 14.49
N LEU B 237 23.65 15.25 14.24
CA LEU B 237 23.17 15.08 12.85
C LEU B 237 23.61 16.26 11.98
N ASN B 238 23.56 17.43 12.59
CA ASN B 238 23.77 18.71 11.93
C ASN B 238 25.23 19.07 11.70
N THR B 239 26.12 18.56 12.55
CA THR B 239 27.53 18.97 12.47
C THR B 239 28.53 17.84 12.25
N SER B 240 28.14 16.56 12.41
CA SER B 240 29.10 15.49 12.17
C SER B 240 29.43 15.26 10.69
N ASP B 241 30.70 14.94 10.40
CA ASP B 241 31.18 14.58 9.05
C ASP B 241 30.79 13.24 8.64
N THR B 242 30.46 12.39 9.61
CA THR B 242 30.12 10.97 9.34
C THR B 242 29.21 10.87 8.14
N PRO B 243 29.52 9.95 7.19
CA PRO B 243 28.66 9.73 6.05
C PRO B 243 27.31 9.11 6.53
N LYS B 244 26.21 9.64 6.02
CA LYS B 244 24.85 9.28 6.42
C LYS B 244 24.10 8.98 5.14
N LEU B 245 23.28 7.92 5.16
CA LEU B 245 22.47 7.57 4.02
C LEU B 245 21.02 7.39 4.45
N LEU B 246 20.14 8.06 3.72
CA LEU B 246 18.69 7.87 3.90
C LEU B 246 18.09 7.24 2.65
N LEU B 247 17.40 6.11 2.82
CA LEU B 247 16.69 5.51 1.69
C LEU B 247 15.23 5.91 1.76
N THR B 248 14.66 6.37 0.64
CA THR B 248 13.24 6.87 0.63
C THR B 248 12.37 5.92 -0.18
N PHE B 249 11.06 5.92 0.13
CA PHE B 249 10.10 5.00 -0.42
C PHE B 249 8.84 5.79 -0.81
N LYS B 250 8.07 5.28 -1.79
CA LYS B 250 6.84 5.91 -2.19
C LYS B 250 5.77 4.88 -1.90
N PRO B 251 4.81 5.23 -1.04
CA PRO B 251 4.69 6.49 -0.36
C PRO B 251 5.49 6.61 0.95
N GLY B 252 5.97 5.50 1.49
CA GLY B 252 6.55 5.54 2.82
C GLY B 252 5.49 5.68 3.88
N PHE B 253 5.87 6.02 5.09
CA PHE B 253 4.95 6.04 6.22
C PHE B 253 5.42 7.03 7.26
N LEU B 254 6.45 6.70 8.03
CA LEU B 254 7.01 7.63 8.97
C LEU B 254 7.80 8.70 8.29
N LEU B 255 8.41 8.44 7.13
CA LEU B 255 9.18 9.52 6.50
C LEU B 255 8.22 10.40 5.68
N THR B 256 7.59 11.34 6.38
CA THR B 256 6.74 12.23 5.69
C THR B 256 7.52 13.26 4.82
N ASP B 257 6.83 13.94 3.91
CA ASP B 257 7.50 14.92 3.12
C ASP B 257 8.15 15.97 4.05
N ALA B 258 7.48 16.35 5.11
CA ALA B 258 8.02 17.38 6.00
C ALA B 258 9.31 16.93 6.72
N ILE B 259 9.38 15.64 7.08
CA ILE B 259 10.56 15.09 7.73
C ILE B 259 11.68 14.88 6.73
N LEU B 260 11.36 14.47 5.52
CA LEU B 260 12.35 14.41 4.46
C LEU B 260 12.96 15.80 4.23
N LYS B 261 12.13 16.82 4.22
CA LYS B 261 12.64 18.15 3.97
C LYS B 261 13.49 18.66 5.12
N TRP B 262 13.08 18.33 6.36
CA TRP B 262 13.83 18.66 7.53
C TRP B 262 15.19 18.01 7.46
N SER B 263 15.21 16.75 7.06
CA SER B 263 16.47 15.98 6.90
C SER B 263 17.40 16.63 5.87
N GLN B 264 16.86 16.97 4.71
CA GLN B 264 17.63 17.59 3.62
C GLN B 264 18.26 18.92 4.10
N VAL B 265 17.51 19.70 4.86
CA VAL B 265 18.03 21.03 5.31
C VAL B 265 18.82 21.02 6.57
N THR B 266 18.79 19.93 7.35
CA THR B 266 19.43 19.93 8.66
C THR B 266 20.57 18.95 8.84
N ILE B 267 20.56 17.83 8.14
CA ILE B 267 21.54 16.80 8.40
C ILE B 267 22.72 16.99 7.50
N ARG B 268 23.90 16.87 8.09
CA ARG B 268 25.16 17.05 7.38
C ARG B 268 25.59 15.76 6.62
N ASN B 269 26.04 15.94 5.39
CA ASN B 269 26.54 14.85 4.59
C ASN B 269 25.59 13.67 4.48
N LEU B 270 24.36 14.03 4.18
CA LEU B 270 23.30 13.06 3.98
C LEU B 270 23.15 12.76 2.52
N GLU B 271 23.43 11.53 2.18
CA GLU B 271 23.10 10.97 0.89
C GLU B 271 21.68 10.42 0.92
N ILE B 272 20.89 10.63 -0.12
CA ILE B 272 19.48 10.14 -0.22
C ILE B 272 19.31 9.36 -1.48
N GLU B 273 18.84 8.12 -1.38
CA GLU B 273 18.53 7.29 -2.55
C GLU B 273 17.13 6.73 -2.49
N ALA B 274 16.42 6.78 -3.61
CA ALA B 274 15.10 6.26 -3.73
C ALA B 274 15.18 4.77 -3.81
N ALA B 275 14.36 4.06 -3.02
CA ALA B 275 14.43 2.55 -3.03
C ALA B 275 13.14 1.92 -3.53
N GLY B 276 12.36 2.66 -4.28
CA GLY B 276 11.15 2.04 -4.83
C GLY B 276 9.88 2.20 -4.00
N ALA B 277 8.91 1.34 -4.27
CA ALA B 277 7.60 1.42 -3.62
C ALA B 277 7.67 0.71 -2.28
N GLY B 278 7.11 1.34 -1.29
CA GLY B 278 7.01 0.65 0.01
C GLY B 278 6.25 1.53 0.96
N ILE B 279 5.85 0.95 2.09
CA ILE B 279 5.15 1.66 3.08
C ILE B 279 6.02 1.86 4.34
N HIS B 280 6.20 0.83 5.17
CA HIS B 280 6.99 0.96 6.39
C HIS B 280 8.04 -0.19 6.63
N PHE B 281 7.55 -1.41 6.61
CA PHE B 281 8.36 -2.60 6.88
C PHE B 281 9.05 -2.95 5.55
N VAL B 282 9.83 -1.98 5.11
CA VAL B 282 10.42 -2.01 3.73
C VAL B 282 11.41 -3.13 3.55
N GLN B 283 12.01 -3.62 4.63
CA GLN B 283 12.85 -4.76 4.51
C GLN B 283 12.10 -5.97 3.95
N GLU B 284 10.77 -6.05 4.15
CA GLU B 284 10.00 -7.16 3.59
C GLU B 284 9.38 -6.79 2.25
N GLU B 285 9.51 -5.52 1.86
CA GLU B 285 8.90 -5.07 0.61
C GLU B 285 9.91 -4.90 -0.54
N GLN B 286 11.08 -4.41 -0.20
CA GLN B 286 12.16 -4.16 -1.19
C GLN B 286 13.51 -4.65 -0.71
N PRO B 287 13.59 -5.89 -0.17
CA PRO B 287 14.85 -6.33 0.35
C PRO B 287 15.97 -6.29 -0.67
N GLU B 288 15.66 -6.69 -1.90
CA GLU B 288 16.72 -6.72 -2.96
C GLU B 288 17.24 -5.31 -3.27
N THR B 289 16.33 -4.35 -3.40
CA THR B 289 16.74 -2.99 -3.65
C THR B 289 17.49 -2.40 -2.52
N ILE B 290 16.97 -2.59 -1.31
CA ILE B 290 17.73 -2.11 -0.11
C ILE B 290 19.09 -2.72 0.01
N ALA B 291 19.21 -4.02 -0.21
CA ALA B 291 20.51 -4.66 -0.15
C ALA B 291 21.48 -4.13 -1.25
N ARG B 292 21.00 -3.93 -2.46
CA ARG B 292 21.86 -3.40 -3.58
C ARG B 292 22.42 -2.02 -3.20
N LEU B 293 21.55 -1.19 -2.62
CA LEU B 293 21.94 0.17 -2.34
C LEU B 293 22.87 0.20 -1.18
N LEU B 294 22.62 -0.61 -0.15
CA LEU B 294 23.55 -0.65 0.98
C LEU B 294 24.91 -1.23 0.58
N ASP B 295 24.87 -2.23 -0.27
CA ASP B 295 26.14 -2.79 -0.81
C ASP B 295 27.00 -1.72 -1.50
N ALA B 296 26.40 -1.01 -2.40
CA ALA B 296 27.10 0.00 -3.17
C ALA B 296 27.58 1.13 -2.26
N TRP B 297 26.78 1.49 -1.25
CA TRP B 297 27.20 2.52 -0.28
C TRP B 297 28.33 2.08 0.61
N LEU B 298 28.23 0.87 1.13
CA LEU B 298 29.27 0.32 1.95
C LEU B 298 30.61 0.20 1.21
N THR B 299 30.54 -0.30 -0.01
CA THR B 299 31.65 -0.29 -0.98
C THR B 299 32.27 1.12 -1.15
N ARG B 300 31.52 2.17 -1.50
CA ARG B 300 32.04 3.55 -1.47
C ARG B 300 32.61 3.96 -0.12
N ILE B 301 31.94 3.60 0.97
CA ILE B 301 32.42 3.95 2.32
C ILE B 301 33.79 3.36 2.62
N ALA B 302 33.99 2.08 2.28
CA ALA B 302 35.27 1.45 2.59
C ALA B 302 36.32 2.05 1.63
#